data_4ZIR
#
_entry.id   4ZIR
#
_cell.length_a   107.275
_cell.length_b   107.275
_cell.length_c   96.758
_cell.angle_alpha   90.00
_cell.angle_beta   90.00
_cell.angle_gamma   90.00
#
_symmetry.space_group_name_H-M   'P 42 21 2'
#
loop_
_entity.id
_entity.type
_entity.pdbx_description
1 polymer 'Energy-coupling factor transporter ATP-binding protein EcfA2'
2 polymer 'Energy-coupling factor transporter ATP-binding protein EcfA1'
3 non-polymer 'MAGNESIUM ION'
4 non-polymer 'CHLORIDE ION'
5 non-polymer 'PHOSPHOAMINOPHOSPHONIC ACID-ADENYLATE ESTER'
6 water water
#
loop_
_entity_poly.entity_id
_entity_poly.type
_entity_poly.pdbx_seq_one_letter_code
_entity_poly.pdbx_strand_id
1 'polypeptide(L)'
;MGRIEVVNVSHIFHRGTPLEKKALENVSLVINEGECLLVAGNTGSGKSTLLQIVAGLIEPTSGDVLYDGERKKGYEIRRN
IGIAFQYPEDQFFAERVFDEVAFAVKNFYPDRDPVPLVKKAMEFVGLDFDSFKDRVPFFLSGGEKRRVAIASVIVHEPDI
LILDEPLVGLDREGKTDLLRIVEKWKTLGKTVILISHDIETVINHVDRVVVLEKGKKVFDGTRMEFLEKYDPRFFTSKML
VMRRLVLKGEDPFSMSDDELLERVCNS
;
A
2 'polypeptide(L)'
;GSGGSHMGSGRIELNSVSFRYNGDYVLKDVNAEFETGKIYVVVGKNGSGKTTLLKILAGLLAAAGEIFLDGSPADPFLLR
KNVGYVFQNPSSQIIGATVEEDVAFSLEIMGLDESEMRKRIKKVLELVGLSGLAAADPLNLSGGQKQRLAIASMLARDTR
FLALDEPVSMLDPPSQREIFQVLESLKNEGKGIILVTHELEYLDDMDFILHISNGTIDFCGSWEEFVEREFDDVEIPFKW
KLWKKCGKINLWEDRYENSGNQRRRDTV
;
B
#
loop_
_chem_comp.id
_chem_comp.type
_chem_comp.name
_chem_comp.formula
ANP non-polymer 'PHOSPHOAMINOPHOSPHONIC ACID-ADENYLATE ESTER' 'C10 H17 N6 O12 P3'
CL non-polymer 'CHLORIDE ION' 'Cl -1'
MG non-polymer 'MAGNESIUM ION' 'Mg 2'
#
# COMPACT_ATOMS: atom_id res chain seq x y z
N GLY A 2 21.32 12.36 -13.40
CA GLY A 2 20.59 13.42 -12.73
C GLY A 2 19.52 14.06 -13.59
N ARG A 3 19.74 14.11 -14.90
CA ARG A 3 18.81 14.78 -15.81
C ARG A 3 18.07 13.80 -16.74
N ILE A 4 17.19 13.01 -16.16
CA ILE A 4 16.50 11.96 -16.91
C ILE A 4 15.46 12.53 -17.86
N GLU A 5 15.64 12.27 -19.14
CA GLU A 5 14.67 12.70 -20.15
C GLU A 5 14.13 11.50 -20.91
N VAL A 6 12.83 11.32 -20.90
CA VAL A 6 12.26 10.22 -21.68
C VAL A 6 11.67 10.78 -22.97
N VAL A 7 12.05 10.16 -24.09
CA VAL A 7 11.58 10.61 -25.40
C VAL A 7 10.68 9.54 -26.01
N ASN A 8 9.73 10.01 -26.83
CA ASN A 8 8.57 9.24 -27.28
C ASN A 8 8.50 7.76 -26.97
N VAL A 9 8.66 7.43 -25.69
CA VAL A 9 8.67 6.04 -25.26
C VAL A 9 7.27 5.43 -25.25
N SER A 10 7.17 4.20 -25.71
CA SER A 10 6.00 3.37 -25.49
C SER A 10 6.53 1.97 -25.31
N HIS A 11 5.82 1.13 -24.58
CA HIS A 11 6.30 -0.23 -24.36
C HIS A 11 5.20 -1.26 -24.60
N ILE A 12 5.56 -2.32 -25.30
CA ILE A 12 4.62 -3.39 -25.61
C ILE A 12 5.11 -4.71 -25.03
N PHE A 13 4.35 -5.25 -24.07
CA PHE A 13 4.69 -6.51 -23.44
C PHE A 13 4.39 -7.71 -24.34
N HIS A 14 5.46 -8.39 -24.77
CA HIS A 14 5.38 -9.60 -25.59
C HIS A 14 4.92 -9.31 -27.02
N ARG A 15 5.70 -8.52 -27.77
CA ARG A 15 5.21 -8.09 -29.08
C ARG A 15 5.41 -9.25 -30.08
N GLY A 16 4.30 -9.80 -30.56
CA GLY A 16 4.32 -10.96 -31.43
C GLY A 16 3.11 -11.84 -31.17
N THR A 17 2.87 -12.10 -29.90
CA THR A 17 1.85 -13.03 -29.42
C THR A 17 0.45 -12.38 -29.34
N PRO A 18 -0.62 -13.20 -29.29
CA PRO A 18 -1.94 -12.57 -29.12
C PRO A 18 -2.19 -11.95 -27.75
N LEU A 19 -1.48 -10.86 -27.43
CA LEU A 19 -1.74 -10.13 -26.19
C LEU A 19 -1.13 -8.73 -26.23
N GLU A 20 0.12 -8.62 -26.71
CA GLU A 20 0.84 -7.34 -26.85
C GLU A 20 0.74 -6.37 -25.66
N LYS A 21 -0.47 -5.92 -25.35
CA LYS A 21 -0.74 -4.97 -24.27
C LYS A 21 0.04 -3.65 -24.38
N LYS A 22 -0.68 -2.57 -24.65
CA LYS A 22 -0.06 -1.25 -24.71
C LYS A 22 0.07 -0.64 -23.31
N ALA A 23 1.09 -1.09 -22.58
CA ALA A 23 1.33 -0.62 -21.22
C ALA A 23 1.58 0.88 -21.18
N LEU A 24 2.43 1.36 -22.09
CA LEU A 24 2.71 2.77 -22.21
C LEU A 24 2.40 3.27 -23.62
N GLU A 25 2.04 4.54 -23.72
CA GLU A 25 1.59 5.11 -25.00
C GLU A 25 2.24 6.47 -25.28
N ASN A 26 3.41 6.44 -25.88
CA ASN A 26 4.14 7.66 -26.23
C ASN A 26 4.30 8.61 -25.06
N VAL A 27 5.20 8.25 -24.14
CA VAL A 27 5.45 9.09 -22.97
C VAL A 27 6.71 9.93 -23.20
N SER A 28 6.61 11.22 -22.90
CA SER A 28 7.75 12.12 -22.96
C SER A 28 7.64 13.21 -21.91
N LEU A 29 8.60 13.25 -21.00
CA LEU A 29 8.61 14.25 -19.94
C LEU A 29 10.03 14.53 -19.49
N VAL A 30 10.27 15.72 -18.97
CA VAL A 30 11.61 16.07 -18.49
C VAL A 30 11.59 16.19 -16.98
N ILE A 31 12.60 15.62 -16.33
CA ILE A 31 12.70 15.70 -14.88
C ILE A 31 14.11 16.14 -14.51
N ASN A 32 14.24 17.43 -14.20
CA ASN A 32 15.52 18.03 -13.86
C ASN A 32 16.11 17.46 -12.57
N GLU A 33 17.31 17.90 -12.23
CA GLU A 33 17.94 17.50 -10.98
C GLU A 33 17.30 18.20 -9.79
N GLY A 34 17.43 17.60 -8.61
CA GLY A 34 16.89 18.17 -7.39
C GLY A 34 15.38 18.29 -7.39
N GLU A 35 14.75 17.67 -8.39
CA GLU A 35 13.31 17.76 -8.57
C GLU A 35 12.61 16.48 -8.13
N CYS A 36 11.52 16.61 -7.40
CA CYS A 36 10.72 15.46 -6.99
C CYS A 36 9.43 15.37 -7.82
N LEU A 37 9.28 14.24 -8.50
CA LEU A 37 8.18 14.04 -9.44
C LEU A 37 7.23 12.96 -8.95
N LEU A 38 5.94 13.26 -8.95
CA LEU A 38 4.93 12.29 -8.56
C LEU A 38 4.26 11.72 -9.80
N VAL A 39 4.41 10.42 -10.00
CA VAL A 39 3.73 9.74 -11.09
C VAL A 39 2.41 9.17 -10.61
N ALA A 40 1.30 9.71 -11.12
CA ALA A 40 -0.02 9.36 -10.65
C ALA A 40 -0.89 8.78 -11.77
N GLY A 41 -2.07 8.29 -11.40
CA GLY A 41 -3.00 7.72 -12.35
C GLY A 41 -3.74 6.52 -11.78
N ASN A 42 -4.69 5.99 -12.53
CA ASN A 42 -5.45 4.82 -12.12
C ASN A 42 -4.58 3.57 -12.15
N THR A 43 -5.20 2.39 -12.03
CA THR A 43 -4.45 1.15 -11.92
C THR A 43 -4.11 0.56 -13.29
N GLY A 44 -4.60 1.17 -14.35
CA GLY A 44 -4.31 0.71 -15.69
C GLY A 44 -3.30 1.60 -16.37
N SER A 45 -3.12 2.79 -15.80
CA SER A 45 -2.25 3.82 -16.37
C SER A 45 -0.85 3.33 -16.72
N GLY A 46 -0.27 2.51 -15.85
CA GLY A 46 1.02 1.91 -16.10
C GLY A 46 2.20 2.74 -15.61
N LYS A 47 2.11 3.23 -14.39
CA LYS A 47 3.17 4.07 -13.86
C LYS A 47 4.36 3.23 -13.39
N SER A 48 4.08 2.03 -12.90
CA SER A 48 5.15 1.11 -12.47
C SER A 48 6.00 0.67 -13.65
N THR A 49 5.34 0.38 -14.77
CA THR A 49 6.03 0.07 -16.02
C THR A 49 7.01 1.18 -16.37
N LEU A 50 6.50 2.42 -16.36
CA LEU A 50 7.31 3.59 -16.67
C LEU A 50 8.52 3.67 -15.76
N LEU A 51 8.30 3.63 -14.45
CA LEU A 51 9.42 3.74 -13.52
C LEU A 51 10.42 2.60 -13.68
N GLN A 52 9.95 1.45 -14.12
CA GLN A 52 10.84 0.34 -14.45
C GLN A 52 11.72 0.70 -15.64
N ILE A 53 11.13 1.35 -16.64
CA ILE A 53 11.91 1.81 -17.79
C ILE A 53 12.94 2.87 -17.39
N VAL A 54 12.47 3.90 -16.70
CA VAL A 54 13.31 4.99 -16.22
C VAL A 54 14.48 4.48 -15.37
N ALA A 55 14.23 3.40 -14.62
CA ALA A 55 15.25 2.80 -13.76
C ALA A 55 16.16 1.87 -14.56
N GLY A 56 15.89 1.73 -15.85
CA GLY A 56 16.68 0.86 -16.70
C GLY A 56 16.49 -0.61 -16.39
N LEU A 57 15.30 -0.97 -15.93
CA LEU A 57 14.99 -2.35 -15.63
C LEU A 57 14.44 -3.07 -16.85
N ILE A 58 13.71 -2.33 -17.69
CA ILE A 58 13.35 -2.85 -18.99
C ILE A 58 13.66 -1.90 -20.14
N GLU A 59 13.63 -2.48 -21.33
CA GLU A 59 13.99 -1.80 -22.54
C GLU A 59 12.70 -1.45 -23.26
N PRO A 60 12.51 -0.15 -23.56
CA PRO A 60 11.30 0.21 -24.30
C PRO A 60 11.32 -0.42 -25.67
N THR A 61 10.16 -0.88 -26.12
CA THR A 61 10.07 -1.48 -27.43
C THR A 61 10.03 -0.41 -28.52
N SER A 62 9.91 0.86 -28.11
CA SER A 62 9.85 1.97 -29.07
C SER A 62 10.24 3.31 -28.45
N GLY A 63 11.36 3.35 -27.73
CA GLY A 63 11.77 4.60 -27.12
C GLY A 63 13.15 4.60 -26.51
N ASP A 64 13.56 5.79 -26.08
CA ASP A 64 14.83 5.97 -25.38
C ASP A 64 14.64 6.81 -24.13
N VAL A 65 15.37 6.48 -23.07
CA VAL A 65 15.47 7.37 -21.94
C VAL A 65 16.92 7.85 -21.89
N LEU A 66 17.09 9.15 -22.06
CA LEU A 66 18.42 9.71 -22.11
C LEU A 66 18.78 10.41 -20.81
N TYR A 67 19.86 9.95 -20.21
CA TYR A 67 20.29 10.44 -18.91
C TYR A 67 21.05 11.73 -19.17
N ASP A 68 22.12 11.65 -19.95
CA ASP A 68 22.64 12.79 -20.68
C ASP A 68 23.17 12.24 -22.01
N GLY A 69 22.25 11.72 -22.82
CA GLY A 69 22.61 10.84 -23.91
C GLY A 69 22.33 9.41 -23.47
N GLU A 70 23.05 8.45 -24.04
CA GLU A 70 22.98 7.05 -23.64
C GLU A 70 21.63 6.42 -24.00
N LYS A 73 21.34 4.18 -21.67
CA LYS A 73 22.12 3.03 -22.11
C LYS A 73 22.38 2.07 -20.97
N GLY A 74 23.40 2.39 -20.19
CA GLY A 74 23.85 1.49 -19.13
C GLY A 74 25.35 1.36 -19.13
N TYR A 75 25.94 1.78 -18.01
CA TYR A 75 27.33 1.59 -17.69
C TYR A 75 27.28 1.62 -16.19
N GLU A 76 28.39 1.86 -15.50
CA GLU A 76 28.22 2.16 -14.09
C GLU A 76 27.51 3.52 -14.01
N ILE A 77 26.25 3.56 -14.42
CA ILE A 77 25.36 4.68 -14.12
C ILE A 77 24.35 4.09 -13.16
N ARG A 78 24.28 2.76 -13.23
CA ARG A 78 23.67 1.91 -12.22
C ARG A 78 23.85 2.50 -10.83
N ARG A 79 25.11 2.78 -10.52
CA ARG A 79 25.57 3.43 -9.29
C ARG A 79 24.58 4.41 -8.66
N ASN A 80 23.96 5.23 -9.51
CA ASN A 80 23.08 6.28 -9.04
C ASN A 80 21.60 6.06 -9.36
N ILE A 81 21.22 4.81 -9.59
CA ILE A 81 19.81 4.46 -9.68
C ILE A 81 19.42 3.56 -8.52
N GLY A 82 18.32 3.88 -7.87
CA GLY A 82 17.83 3.05 -6.78
C GLY A 82 16.32 3.00 -6.81
N ILE A 83 15.76 1.93 -7.36
CA ILE A 83 14.31 1.79 -7.43
C ILE A 83 13.78 0.84 -6.36
N ALA A 84 12.68 1.21 -5.74
CA ALA A 84 12.00 0.41 -4.72
C ALA A 84 10.65 -0.08 -5.24
N PHE A 85 10.49 -1.40 -5.26
CA PHE A 85 9.32 -2.04 -5.86
C PHE A 85 8.10 -1.83 -4.98
N GLN A 86 6.90 -1.80 -5.57
CA GLN A 86 5.73 -1.57 -4.73
C GLN A 86 5.47 -2.78 -3.85
N TYR A 87 5.82 -3.97 -4.32
CA TYR A 87 5.88 -5.12 -3.41
C TYR A 87 7.33 -5.47 -3.10
N PRO A 88 7.75 -5.17 -1.86
CA PRO A 88 9.13 -5.38 -1.39
C PRO A 88 9.66 -6.79 -1.61
N GLU A 89 8.82 -7.81 -1.41
CA GLU A 89 9.27 -9.19 -1.60
C GLU A 89 9.70 -9.46 -3.05
N ASP A 90 9.13 -8.70 -4.00
CA ASP A 90 9.53 -8.81 -5.41
C ASP A 90 10.96 -8.35 -5.65
N GLN A 91 11.63 -7.95 -4.57
CA GLN A 91 12.91 -7.27 -4.66
C GLN A 91 13.94 -8.01 -3.81
N PHE A 92 13.45 -8.83 -2.89
CA PHE A 92 14.32 -9.62 -2.03
C PHE A 92 15.00 -10.76 -2.79
N PHE A 93 16.15 -11.19 -2.28
CA PHE A 93 16.96 -12.23 -2.90
C PHE A 93 17.84 -12.86 -1.84
N ALA A 94 18.02 -12.11 -0.76
CA ALA A 94 18.95 -12.47 0.30
C ALA A 94 18.23 -13.18 1.43
N GLU A 95 18.98 -13.97 2.18
CA GLU A 95 18.42 -14.73 3.29
C GLU A 95 18.56 -13.99 4.63
N ARG A 96 19.32 -12.90 4.62
CA ARG A 96 19.50 -12.07 5.81
C ARG A 96 19.35 -10.60 5.44
N VAL A 97 18.73 -9.83 6.33
CA VAL A 97 18.48 -8.41 6.08
C VAL A 97 19.76 -7.66 5.73
N PHE A 98 20.84 -7.97 6.45
CA PHE A 98 22.12 -7.32 6.22
C PHE A 98 22.58 -7.46 4.77
N ASP A 99 22.50 -8.67 4.24
CA ASP A 99 22.96 -8.91 2.87
C ASP A 99 22.08 -8.17 1.87
N GLU A 100 20.78 -8.23 2.14
CA GLU A 100 19.77 -7.55 1.34
C GLU A 100 20.08 -6.06 1.21
N VAL A 101 20.37 -5.40 2.33
CA VAL A 101 20.69 -3.98 2.30
C VAL A 101 22.07 -3.71 1.69
N ALA A 102 23.04 -4.53 2.07
CA ALA A 102 24.43 -4.35 1.68
C ALA A 102 24.67 -4.62 0.20
N PHE A 103 23.67 -5.15 -0.50
CA PHE A 103 23.83 -5.43 -1.92
C PHE A 103 24.47 -4.31 -2.74
N ALA A 104 23.80 -3.16 -2.81
CA ALA A 104 24.24 -2.04 -3.66
C ALA A 104 25.69 -1.65 -3.40
N VAL A 105 26.06 -1.57 -2.13
CA VAL A 105 27.42 -1.23 -1.73
C VAL A 105 28.40 -2.31 -2.16
N LYS A 106 28.05 -3.57 -1.94
CA LYS A 106 28.92 -4.69 -2.29
C LYS A 106 29.08 -4.87 -3.79
N ASN A 107 28.11 -4.35 -4.53
CA ASN A 107 28.06 -4.51 -5.97
C ASN A 107 28.82 -3.39 -6.67
N PHE A 108 28.43 -2.14 -6.40
CA PHE A 108 29.02 -1.00 -7.08
C PHE A 108 30.27 -0.48 -6.41
N TYR A 109 30.53 -0.96 -5.19
CA TYR A 109 31.70 -0.49 -4.44
C TYR A 109 32.38 -1.65 -3.70
N PRO A 110 32.92 -2.61 -4.46
CA PRO A 110 33.41 -3.89 -3.92
C PRO A 110 34.64 -3.74 -3.02
N ASP A 111 35.21 -2.54 -3.00
CA ASP A 111 36.42 -2.29 -2.23
C ASP A 111 36.11 -1.96 -0.77
N ARG A 112 35.04 -1.21 -0.55
CA ARG A 112 34.76 -0.64 0.77
C ARG A 112 33.90 -1.50 1.68
N ASP A 113 34.23 -1.46 2.96
CA ASP A 113 33.46 -2.10 4.03
C ASP A 113 32.05 -1.52 4.08
N PRO A 114 31.04 -2.40 3.92
CA PRO A 114 29.63 -1.96 3.86
C PRO A 114 28.94 -1.77 5.22
N VAL A 115 29.45 -2.42 6.27
CA VAL A 115 28.80 -2.38 7.59
C VAL A 115 28.45 -0.97 8.11
N PRO A 116 29.33 0.04 7.95
CA PRO A 116 28.89 1.36 8.42
C PRO A 116 27.71 1.94 7.62
N LEU A 117 27.82 1.86 6.30
CA LEU A 117 26.82 2.39 5.38
C LEU A 117 25.44 1.75 5.58
N VAL A 118 25.39 0.43 5.60
CA VAL A 118 24.12 -0.26 5.76
C VAL A 118 23.56 -0.02 7.16
N LYS A 119 24.45 0.28 8.10
CA LYS A 119 24.03 0.60 9.46
C LYS A 119 23.24 1.90 9.44
N LYS A 120 23.83 2.97 8.91
CA LYS A 120 23.10 4.24 8.88
C LYS A 120 21.85 4.18 8.00
N ALA A 121 21.94 3.41 6.91
CA ALA A 121 20.80 3.19 6.04
C ALA A 121 19.64 2.57 6.82
N MET A 122 19.94 1.49 7.56
CA MET A 122 18.94 0.80 8.34
C MET A 122 18.33 1.68 9.43
N GLU A 123 19.14 2.49 10.11
CA GLU A 123 18.57 3.32 11.17
C GLU A 123 17.81 4.54 10.66
N PHE A 124 18.03 4.94 9.41
CA PHE A 124 17.23 6.05 8.93
C PHE A 124 15.93 5.58 8.28
N VAL A 125 15.65 4.28 8.36
CA VAL A 125 14.29 3.78 8.11
C VAL A 125 13.72 3.18 9.39
N GLY A 126 14.42 3.37 10.50
CA GLY A 126 13.91 2.97 11.80
C GLY A 126 14.17 1.53 12.19
N LEU A 127 15.02 0.84 11.44
CA LEU A 127 15.36 -0.54 11.75
C LEU A 127 16.64 -0.63 12.57
N ASP A 128 16.51 -1.02 13.83
CA ASP A 128 17.68 -1.18 14.69
C ASP A 128 18.64 -2.21 14.11
N PHE A 129 19.93 -1.87 14.06
CA PHE A 129 20.92 -2.73 13.43
C PHE A 129 21.07 -4.07 14.16
N ASP A 130 21.48 -4.02 15.42
CA ASP A 130 21.57 -5.23 16.24
C ASP A 130 20.19 -5.65 16.70
N SER A 131 19.35 -6.05 15.74
CA SER A 131 17.97 -6.43 16.01
C SER A 131 17.31 -6.90 14.73
N PHE A 132 17.86 -6.46 13.60
CA PHE A 132 17.30 -6.79 12.30
C PHE A 132 18.34 -7.33 11.31
N LYS A 133 19.62 -7.13 11.61
CA LYS A 133 20.67 -7.46 10.64
C LYS A 133 20.75 -8.95 10.29
N ASP A 134 20.34 -9.82 11.21
CA ASP A 134 20.48 -11.25 11.02
C ASP A 134 19.14 -11.96 10.87
N ARG A 135 18.07 -11.19 10.79
CA ARG A 135 16.76 -11.77 10.56
C ARG A 135 16.55 -12.05 9.08
N VAL A 136 15.60 -12.92 8.78
CA VAL A 136 15.25 -13.22 7.39
C VAL A 136 14.24 -12.19 6.90
N PRO A 137 14.52 -11.55 5.75
CA PRO A 137 13.65 -10.49 5.24
C PRO A 137 12.19 -10.95 5.09
N PHE A 138 12.01 -12.19 4.61
CA PHE A 138 10.68 -12.74 4.36
C PHE A 138 9.90 -12.97 5.65
N PHE A 139 10.59 -13.02 6.77
CA PHE A 139 9.94 -13.29 8.05
C PHE A 139 9.76 -12.01 8.86
N LEU A 140 9.56 -10.90 8.17
CA LEU A 140 9.32 -9.61 8.82
C LEU A 140 7.87 -9.18 8.61
N SER A 141 7.46 -8.13 9.31
CA SER A 141 6.14 -7.56 9.09
C SER A 141 6.14 -6.82 7.76
N GLY A 142 4.97 -6.45 7.26
CA GLY A 142 4.87 -5.69 6.02
C GLY A 142 5.63 -4.37 6.08
N GLY A 143 5.43 -3.64 7.16
CA GLY A 143 6.12 -2.37 7.35
C GLY A 143 7.62 -2.55 7.43
N GLU A 144 8.05 -3.61 8.10
CA GLU A 144 9.46 -3.89 8.26
C GLU A 144 10.06 -4.29 6.91
N LYS A 145 9.28 -4.99 6.08
CA LYS A 145 9.71 -5.32 4.74
C LYS A 145 9.89 -4.05 3.89
N ARG A 146 8.90 -3.17 3.96
CA ARG A 146 8.99 -1.87 3.27
C ARG A 146 10.26 -1.13 3.66
N ARG A 147 10.48 -1.00 4.97
CA ARG A 147 11.69 -0.37 5.49
C ARG A 147 12.97 -0.99 4.94
N VAL A 148 13.04 -2.32 4.96
CA VAL A 148 14.22 -3.02 4.43
C VAL A 148 14.45 -2.65 2.97
N ALA A 149 13.38 -2.60 2.18
CA ALA A 149 13.49 -2.23 0.77
C ALA A 149 14.04 -0.81 0.61
N ILE A 150 13.38 0.14 1.26
CA ILE A 150 13.80 1.53 1.23
C ILE A 150 15.28 1.68 1.57
N ALA A 151 15.66 1.05 2.67
CA ALA A 151 17.04 1.07 3.14
C ALA A 151 17.99 0.53 2.07
N SER A 152 17.62 -0.59 1.47
CA SER A 152 18.49 -1.25 0.50
C SER A 152 18.66 -0.39 -0.75
N VAL A 153 17.70 0.49 -1.05
CA VAL A 153 17.86 1.36 -2.21
C VAL A 153 18.37 2.77 -1.88
N ILE A 154 18.51 3.11 -0.61
CA ILE A 154 19.11 4.41 -0.26
C ILE A 154 20.49 4.26 0.35
N VAL A 155 20.96 3.03 0.50
CA VAL A 155 22.19 2.73 1.25
C VAL A 155 23.45 3.32 0.59
N HIS A 156 23.43 3.40 -0.74
CA HIS A 156 24.61 3.83 -1.50
C HIS A 156 24.39 5.22 -2.11
N GLU A 157 23.39 5.91 -1.58
CA GLU A 157 23.03 7.28 -1.99
C GLU A 157 23.08 7.54 -3.50
N PRO A 158 22.16 6.93 -4.25
CA PRO A 158 22.02 7.16 -5.70
C PRO A 158 21.58 8.59 -6.04
N ASP A 159 21.88 9.05 -7.25
CA ASP A 159 21.39 10.35 -7.71
C ASP A 159 19.91 10.28 -8.03
N ILE A 160 19.48 9.14 -8.58
CA ILE A 160 18.07 8.91 -8.85
C ILE A 160 17.48 7.92 -7.85
N LEU A 161 16.49 8.38 -7.10
CA LEU A 161 15.79 7.53 -6.15
C LEU A 161 14.34 7.36 -6.60
N ILE A 162 14.07 6.20 -7.17
CA ILE A 162 12.77 5.88 -7.72
C ILE A 162 11.98 5.05 -6.72
N LEU A 163 10.89 5.61 -6.19
CA LEU A 163 10.10 4.91 -5.18
C LEU A 163 8.68 4.59 -5.66
N ASP A 164 8.41 3.30 -5.79
CA ASP A 164 7.08 2.82 -6.17
C ASP A 164 6.30 2.42 -4.92
N GLU A 165 5.23 3.15 -4.66
CA GLU A 165 4.39 2.96 -3.47
C GLU A 165 5.16 2.79 -2.15
N PRO A 166 6.03 3.76 -1.82
CA PRO A 166 6.90 3.60 -0.64
C PRO A 166 6.18 3.77 0.71
N LEU A 167 5.04 4.45 0.72
CA LEU A 167 4.31 4.67 1.97
C LEU A 167 3.54 3.44 2.40
N VAL A 168 3.17 2.59 1.45
CA VAL A 168 2.29 1.46 1.70
C VAL A 168 2.85 0.49 2.74
N GLY A 169 2.18 0.40 3.89
CA GLY A 169 2.55 -0.55 4.92
C GLY A 169 3.25 0.05 6.12
N LEU A 170 3.53 1.34 6.06
CA LEU A 170 4.25 2.01 7.13
C LEU A 170 3.30 2.71 8.10
N ASP A 171 3.69 2.72 9.38
CA ASP A 171 2.97 3.50 10.38
C ASP A 171 3.36 4.97 10.24
N ARG A 172 2.84 5.80 11.14
CA ARG A 172 3.09 7.23 11.10
C ARG A 172 4.60 7.53 11.16
N GLU A 173 5.29 6.86 12.08
CA GLU A 173 6.72 7.02 12.26
C GLU A 173 7.49 6.63 11.00
N GLY A 174 7.07 5.53 10.38
CA GLY A 174 7.68 5.04 9.16
C GLY A 174 7.53 6.00 8.00
N LYS A 175 6.35 6.61 7.90
CA LYS A 175 6.08 7.56 6.83
C LYS A 175 6.85 8.87 7.02
N THR A 176 6.95 9.34 8.26
CA THR A 176 7.73 10.55 8.49
C THR A 176 9.21 10.27 8.25
N ASP A 177 9.64 9.03 8.51
CA ASP A 177 11.00 8.62 8.17
C ASP A 177 11.22 8.68 6.64
N LEU A 178 10.25 8.16 5.89
CA LEU A 178 10.36 8.17 4.43
C LEU A 178 10.41 9.59 3.86
N LEU A 179 9.50 10.43 4.32
CA LEU A 179 9.44 11.81 3.84
C LEU A 179 10.70 12.57 4.23
N ARG A 180 11.23 12.25 5.41
CA ARG A 180 12.53 12.79 5.81
C ARG A 180 13.60 12.39 4.78
N ILE A 181 13.56 11.14 4.33
CA ILE A 181 14.50 10.69 3.31
C ILE A 181 14.38 11.51 2.02
N VAL A 182 13.15 11.65 1.53
CA VAL A 182 12.89 12.46 0.34
C VAL A 182 13.45 13.88 0.46
N GLU A 183 13.15 14.54 1.57
CA GLU A 183 13.69 15.87 1.84
C GLU A 183 15.21 15.87 1.80
N LYS A 184 15.81 15.00 2.60
CA LYS A 184 17.26 14.93 2.70
C LYS A 184 17.90 14.43 1.42
N TRP A 185 17.10 14.20 0.38
CA TRP A 185 17.69 13.97 -0.94
C TRP A 185 17.35 15.10 -1.90
N LYS A 186 16.38 15.93 -1.55
CA LYS A 186 16.20 17.18 -2.30
C LYS A 186 17.24 18.20 -1.84
N THR A 187 17.58 18.19 -0.55
CA THR A 187 18.60 19.07 -0.02
C THR A 187 19.94 18.81 -0.70
N LEU A 188 20.22 17.54 -0.99
CA LEU A 188 21.45 17.15 -1.67
C LEU A 188 21.37 17.41 -3.17
N GLY A 189 20.26 18.01 -3.61
CA GLY A 189 20.04 18.22 -5.03
C GLY A 189 20.01 16.92 -5.80
N LYS A 190 19.26 15.94 -5.28
CA LYS A 190 19.12 14.66 -5.95
C LYS A 190 17.71 14.51 -6.50
N THR A 191 17.55 13.58 -7.42
CA THR A 191 16.27 13.38 -8.08
C THR A 191 15.47 12.26 -7.43
N VAL A 192 14.17 12.49 -7.26
CA VAL A 192 13.27 11.52 -6.67
C VAL A 192 12.08 11.31 -7.60
N ILE A 193 11.61 10.07 -7.73
CA ILE A 193 10.47 9.78 -8.60
C ILE A 193 9.42 8.95 -7.86
N LEU A 194 8.22 9.48 -7.67
CA LEU A 194 7.27 8.83 -6.80
C LEU A 194 6.01 8.29 -7.47
N ILE A 195 5.65 7.06 -7.09
CA ILE A 195 4.32 6.54 -7.38
C ILE A 195 3.57 6.41 -6.06
N SER A 196 2.39 7.01 -5.98
CA SER A 196 1.63 7.00 -4.73
C SER A 196 0.17 7.43 -4.96
N HIS A 197 -0.74 6.47 -4.79
CA HIS A 197 -2.17 6.72 -4.86
C HIS A 197 -2.60 7.73 -3.81
N ASP A 198 -1.79 7.84 -2.76
CA ASP A 198 -2.00 8.76 -1.66
C ASP A 198 -1.29 10.09 -1.94
N ILE A 199 -1.87 10.87 -2.84
CA ILE A 199 -1.30 12.17 -3.21
C ILE A 199 -1.28 13.12 -2.02
N GLU A 200 -2.33 13.03 -1.21
CA GLU A 200 -2.58 13.92 -0.08
C GLU A 200 -1.39 14.10 0.86
N THR A 201 -0.62 13.04 1.05
CA THR A 201 0.54 13.08 1.94
C THR A 201 1.79 13.55 1.22
N VAL A 202 2.05 12.92 0.08
CA VAL A 202 3.26 13.17 -0.67
C VAL A 202 3.38 14.60 -1.19
N ILE A 203 2.24 15.25 -1.42
CA ILE A 203 2.24 16.49 -2.20
C ILE A 203 2.89 17.71 -1.53
N ASN A 204 3.01 17.70 -0.21
CA ASN A 204 3.75 18.77 0.46
C ASN A 204 5.22 18.73 0.04
N HIS A 205 5.67 17.54 -0.34
CA HIS A 205 7.08 17.26 -0.61
C HIS A 205 7.35 16.95 -2.08
N VAL A 206 6.46 17.37 -2.97
CA VAL A 206 6.63 17.13 -4.41
C VAL A 206 6.67 18.42 -5.20
N ASP A 207 7.58 18.48 -6.17
CA ASP A 207 7.70 19.66 -7.02
C ASP A 207 6.83 19.56 -8.28
N ARG A 208 6.80 18.39 -8.91
CA ARG A 208 6.04 18.28 -10.15
C ARG A 208 5.27 16.98 -10.33
N VAL A 209 4.02 17.11 -10.76
CA VAL A 209 3.16 15.95 -10.97
C VAL A 209 3.10 15.58 -12.46
N VAL A 210 3.01 14.28 -12.72
CA VAL A 210 2.70 13.75 -14.05
C VAL A 210 1.61 12.72 -13.87
N VAL A 211 0.63 12.68 -14.77
CA VAL A 211 -0.45 11.70 -14.64
C VAL A 211 -0.60 10.87 -15.91
N LEU A 212 -0.73 9.56 -15.71
CA LEU A 212 -0.85 8.63 -16.83
C LEU A 212 -2.29 8.13 -16.98
N GLU A 213 -2.55 7.53 -18.14
CA GLU A 213 -3.89 7.12 -18.55
C GLU A 213 -3.81 6.16 -19.72
N LYS A 214 -3.81 4.86 -19.41
CA LYS A 214 -3.74 3.81 -20.42
C LYS A 214 -2.46 3.94 -21.23
N GLY A 215 -1.41 4.45 -20.58
CA GLY A 215 -0.12 4.65 -21.24
C GLY A 215 0.08 6.08 -21.68
N LYS A 216 -1.02 6.77 -21.97
CA LYS A 216 -0.96 8.17 -22.40
C LYS A 216 -0.59 9.09 -21.23
N LYS A 217 0.09 10.19 -21.51
CA LYS A 217 0.30 11.20 -20.47
C LYS A 217 -0.77 12.26 -20.61
N VAL A 218 -1.65 12.35 -19.62
CA VAL A 218 -2.76 13.29 -19.73
C VAL A 218 -2.58 14.50 -18.81
N PHE A 219 -1.40 14.59 -18.20
CA PHE A 219 -1.05 15.75 -17.39
C PHE A 219 0.43 15.80 -17.13
N ASP A 220 0.99 17.01 -17.18
CA ASP A 220 2.40 17.21 -16.89
C ASP A 220 2.62 18.65 -16.42
N GLY A 221 1.87 19.06 -15.42
CA GLY A 221 2.02 20.40 -14.88
C GLY A 221 2.89 20.36 -13.63
N THR A 222 2.87 21.45 -12.87
CA THR A 222 3.63 21.50 -11.63
C THR A 222 2.72 21.11 -10.47
N ARG A 223 3.30 20.99 -9.28
CA ARG A 223 2.54 20.72 -8.07
C ARG A 223 1.45 21.77 -7.88
N MET A 224 1.84 23.04 -7.95
CA MET A 224 0.94 24.16 -7.75
C MET A 224 -0.16 24.22 -8.82
N GLU A 225 0.13 23.64 -9.97
CA GLU A 225 -0.71 23.76 -11.15
C GLU A 225 -1.58 22.50 -11.32
N PHE A 226 -1.37 21.53 -10.43
CA PHE A 226 -2.17 20.31 -10.46
C PHE A 226 -3.42 20.44 -9.59
N LEU A 227 -3.31 21.13 -8.46
CA LEU A 227 -4.46 21.32 -7.58
C LEU A 227 -5.39 22.43 -8.06
N GLU A 228 -5.05 23.02 -9.20
CA GLU A 228 -5.66 24.26 -9.61
C GLU A 228 -6.12 24.13 -11.07
N LYS A 229 -5.80 22.99 -11.67
CA LYS A 229 -6.02 22.83 -13.11
C LYS A 229 -6.32 21.36 -13.46
N TYR A 230 -6.66 20.55 -12.46
CA TYR A 230 -6.96 19.15 -12.71
C TYR A 230 -8.33 18.75 -12.15
N ASP A 231 -9.03 17.88 -12.88
CA ASP A 231 -10.35 17.36 -12.49
C ASP A 231 -10.38 16.92 -11.03
N PRO A 232 -11.05 17.72 -10.17
CA PRO A 232 -11.04 17.52 -8.73
C PRO A 232 -12.15 16.61 -8.22
N ARG A 233 -12.80 15.88 -9.12
CA ARG A 233 -13.90 14.99 -8.73
C ARG A 233 -13.46 13.99 -7.66
N PHE A 234 -12.21 13.54 -7.73
CA PHE A 234 -11.71 12.52 -6.81
C PHE A 234 -10.57 13.02 -5.92
N PHE A 235 -10.65 14.29 -5.51
CA PHE A 235 -9.71 14.81 -4.51
C PHE A 235 -10.15 14.37 -3.13
N THR A 236 -9.20 14.19 -2.21
CA THR A 236 -9.54 14.00 -0.81
C THR A 236 -9.95 15.36 -0.24
N SER A 237 -10.52 15.35 0.96
CA SER A 237 -10.98 16.59 1.59
C SER A 237 -9.83 17.57 1.78
N LYS A 238 -8.69 17.05 2.24
CA LYS A 238 -7.51 17.87 2.43
C LYS A 238 -7.10 18.53 1.12
N MET A 239 -7.13 17.75 0.04
CA MET A 239 -6.77 18.26 -1.28
C MET A 239 -7.74 19.34 -1.77
N LEU A 240 -9.03 19.16 -1.54
CA LEU A 240 -10.03 20.16 -1.91
C LEU A 240 -9.81 21.45 -1.13
N VAL A 241 -9.42 21.29 0.14
CA VAL A 241 -9.14 22.42 1.02
C VAL A 241 -7.92 23.22 0.54
N MET A 242 -6.82 22.52 0.31
CA MET A 242 -5.61 23.11 -0.26
C MET A 242 -5.94 23.77 -1.60
N ARG A 243 -6.91 23.19 -2.30
CA ARG A 243 -7.38 23.74 -3.56
C ARG A 243 -8.07 25.09 -3.37
N ARG A 244 -8.93 25.19 -2.37
CA ARG A 244 -9.55 26.46 -2.06
C ARG A 244 -8.48 27.48 -1.70
N LEU A 245 -7.41 27.02 -1.05
CA LEU A 245 -6.35 27.92 -0.65
C LEU A 245 -5.42 28.34 -1.80
N VAL A 246 -5.29 27.51 -2.83
CA VAL A 246 -4.47 27.89 -3.98
C VAL A 246 -5.27 28.78 -4.94
N LEU A 247 -6.58 28.57 -5.02
CA LEU A 247 -7.40 29.32 -5.95
C LEU A 247 -7.54 30.80 -5.58
N LYS A 248 -7.52 31.10 -4.28
CA LYS A 248 -7.68 32.49 -3.86
C LYS A 248 -6.35 33.21 -3.73
N GLY A 249 -5.24 32.46 -3.79
CA GLY A 249 -3.92 33.07 -3.86
C GLY A 249 -2.83 32.46 -2.99
N GLU A 250 -3.22 31.85 -1.87
CA GLU A 250 -2.25 31.41 -0.86
C GLU A 250 -1.51 30.12 -1.23
N ASP A 251 -0.61 29.70 -0.33
CA ASP A 251 0.24 28.55 -0.58
C ASP A 251 0.10 27.51 0.53
N PRO A 252 -0.84 26.57 0.36
CA PRO A 252 -1.21 25.60 1.39
C PRO A 252 -0.10 24.58 1.69
N PHE A 253 0.93 24.55 0.86
CA PHE A 253 1.99 23.54 1.01
C PHE A 253 2.96 23.88 2.15
N SER A 254 2.56 24.83 2.98
CA SER A 254 3.38 25.27 4.09
C SER A 254 2.50 25.57 5.30
N MET A 255 1.48 24.75 5.48
CA MET A 255 0.57 24.90 6.61
C MET A 255 0.36 23.55 7.28
N SER A 256 0.58 23.49 8.58
CA SER A 256 0.37 22.27 9.34
C SER A 256 -1.09 21.84 9.19
N ASP A 257 -1.36 20.58 9.49
CA ASP A 257 -2.71 20.03 9.31
C ASP A 257 -3.80 20.84 10.03
N ASP A 258 -3.39 21.73 10.94
CA ASP A 258 -4.34 22.57 11.68
C ASP A 258 -4.48 23.96 11.03
N GLU A 259 -3.35 24.51 10.60
CA GLU A 259 -3.31 25.81 9.93
C GLU A 259 -4.20 25.81 8.70
N LEU A 260 -4.25 24.67 8.02
CA LEU A 260 -5.17 24.49 6.90
C LEU A 260 -6.59 24.76 7.36
N LEU A 261 -7.03 24.04 8.40
CA LEU A 261 -8.36 24.20 8.96
C LEU A 261 -8.71 25.64 9.30
N GLU A 262 -7.88 26.28 10.11
CA GLU A 262 -8.13 27.66 10.52
C GLU A 262 -8.37 28.57 9.33
N ARG A 263 -7.57 28.39 8.28
CA ARG A 263 -7.65 29.20 7.07
C ARG A 263 -8.84 28.79 6.17
N VAL A 264 -9.69 27.91 6.68
CA VAL A 264 -10.84 27.44 5.92
C VAL A 264 -12.13 27.85 6.62
N CYS A 265 -12.10 27.97 7.94
CA CYS A 265 -13.34 28.24 8.66
C CYS A 265 -13.21 29.03 9.93
N ASN A 266 -12.81 30.31 9.85
CA ASN A 266 -12.28 31.04 11.00
C ASN A 266 -11.25 32.15 10.67
N SER B 9 -24.62 -17.75 10.97
CA SER B 9 -24.07 -16.85 11.97
C SER B 9 -22.94 -17.51 12.76
N GLY B 10 -22.45 -16.81 13.77
CA GLY B 10 -21.38 -17.33 14.61
C GLY B 10 -20.65 -16.30 15.44
N ARG B 11 -19.57 -16.73 16.09
CA ARG B 11 -18.80 -15.87 16.98
C ARG B 11 -17.46 -16.49 17.40
N ILE B 12 -16.37 -15.92 16.92
CA ILE B 12 -15.04 -16.36 17.35
C ILE B 12 -14.76 -15.78 18.73
N GLU B 13 -14.05 -16.54 19.56
CA GLU B 13 -13.77 -16.09 20.91
C GLU B 13 -12.34 -16.46 21.30
N LEU B 14 -11.47 -15.47 21.30
CA LEU B 14 -10.10 -15.62 21.78
C LEU B 14 -10.05 -15.45 23.29
N ASN B 15 -9.61 -16.50 23.98
CA ASN B 15 -9.45 -16.48 25.42
C ASN B 15 -8.01 -16.79 25.83
N SER B 16 -7.37 -15.79 26.45
CA SER B 16 -5.99 -15.86 26.95
C SER B 16 -5.01 -16.28 25.87
N VAL B 17 -5.14 -15.69 24.68
CA VAL B 17 -4.35 -16.09 23.53
C VAL B 17 -3.03 -15.33 23.42
N SER B 18 -1.94 -16.08 23.33
CA SER B 18 -0.61 -15.49 23.15
C SER B 18 0.17 -16.28 22.10
N PHE B 19 1.14 -15.62 21.47
CA PHE B 19 1.87 -16.24 20.37
C PHE B 19 3.35 -15.85 20.33
N ARG B 20 4.18 -16.83 19.98
CA ARG B 20 5.62 -16.67 19.81
C ARG B 20 5.97 -17.12 18.40
N TYR B 21 6.90 -16.43 17.73
CA TYR B 21 7.40 -16.94 16.47
C TYR B 21 8.60 -17.84 16.72
N ASN B 22 9.69 -17.24 17.23
CA ASN B 22 10.75 -17.93 17.98
C ASN B 22 11.56 -16.81 18.66
N GLY B 23 11.28 -16.57 19.93
CA GLY B 23 12.08 -15.65 20.70
C GLY B 23 11.15 -15.16 21.77
N ASP B 24 10.61 -13.96 21.58
CA ASP B 24 9.66 -13.46 22.53
C ASP B 24 8.29 -13.27 21.93
N TYR B 25 7.29 -13.27 22.79
CA TYR B 25 5.89 -13.17 22.40
C TYR B 25 5.59 -11.93 21.55
N VAL B 26 4.90 -12.15 20.43
CA VAL B 26 4.44 -11.06 19.59
C VAL B 26 2.96 -10.80 19.88
N LEU B 27 2.37 -11.71 20.65
CA LEU B 27 1.04 -11.55 21.23
C LEU B 27 1.10 -12.04 22.66
N LYS B 28 0.61 -11.22 23.60
CA LYS B 28 0.69 -11.57 25.01
C LYS B 28 -0.70 -11.55 25.67
N ASP B 29 -1.30 -12.74 25.78
CA ASP B 29 -2.60 -12.92 26.43
C ASP B 29 -3.69 -11.99 25.90
N VAL B 30 -4.21 -12.33 24.72
CA VAL B 30 -5.24 -11.55 24.06
C VAL B 30 -6.63 -12.12 24.35
N ASN B 31 -7.58 -11.25 24.68
CA ASN B 31 -8.97 -11.64 24.88
C ASN B 31 -9.92 -10.83 24.00
N ALA B 32 -10.73 -11.52 23.20
CA ALA B 32 -11.66 -10.83 22.31
C ALA B 32 -12.80 -11.71 21.83
N GLU B 33 -13.87 -11.07 21.37
CA GLU B 33 -14.95 -11.78 20.71
C GLU B 33 -15.24 -11.09 19.41
N PHE B 34 -15.25 -11.85 18.31
CA PHE B 34 -15.64 -11.32 17.03
C PHE B 34 -16.92 -11.97 16.55
N GLU B 35 -17.97 -11.17 16.51
CA GLU B 35 -19.32 -11.65 16.27
C GLU B 35 -19.79 -11.23 14.87
N THR B 36 -20.43 -12.18 14.18
CA THR B 36 -21.03 -11.95 12.88
C THR B 36 -21.88 -10.68 12.84
N GLY B 37 -21.82 -9.95 11.72
CA GLY B 37 -22.72 -8.82 11.53
C GLY B 37 -22.14 -7.46 11.86
N LYS B 38 -21.09 -7.44 12.67
CA LYS B 38 -20.41 -6.19 13.00
C LYS B 38 -19.08 -6.15 12.28
N ILE B 39 -18.47 -4.98 12.19
CA ILE B 39 -17.17 -4.85 11.52
C ILE B 39 -16.10 -4.30 12.46
N TYR B 40 -14.95 -4.94 12.45
CA TYR B 40 -13.86 -4.63 13.36
C TYR B 40 -12.63 -4.13 12.61
N VAL B 41 -12.17 -2.93 12.94
CA VAL B 41 -10.97 -2.39 12.33
C VAL B 41 -9.80 -2.49 13.30
N VAL B 42 -8.68 -3.05 12.85
CA VAL B 42 -7.54 -3.28 13.73
C VAL B 42 -6.37 -2.37 13.35
N VAL B 43 -5.92 -1.56 14.31
CA VAL B 43 -4.82 -0.63 14.06
C VAL B 43 -3.71 -0.73 15.11
N GLY B 44 -2.51 -0.27 14.75
CA GLY B 44 -1.35 -0.35 15.63
C GLY B 44 -0.07 -0.24 14.82
N LYS B 45 1.03 0.17 15.45
CA LYS B 45 2.26 0.45 14.70
C LYS B 45 2.90 -0.81 14.14
N ASN B 46 3.88 -0.65 13.26
CA ASN B 46 4.60 -1.78 12.69
C ASN B 46 5.23 -2.63 13.78
N GLY B 47 5.02 -3.93 13.73
CA GLY B 47 5.54 -4.83 14.74
C GLY B 47 4.70 -4.91 16.01
N SER B 48 3.42 -4.57 15.92
CA SER B 48 2.52 -4.61 17.08
C SER B 48 1.82 -5.97 17.23
N GLY B 49 1.49 -6.61 16.11
CA GLY B 49 0.91 -7.95 16.15
C GLY B 49 -0.40 -8.13 15.40
N LYS B 50 -0.75 -7.16 14.56
CA LYS B 50 -2.02 -7.16 13.83
C LYS B 50 -2.19 -8.38 12.93
N THR B 51 -1.19 -8.61 12.07
CA THR B 51 -1.20 -9.74 11.14
C THR B 51 -1.20 -11.08 11.86
N THR B 52 -0.40 -11.17 12.93
CA THR B 52 -0.35 -12.39 13.73
C THR B 52 -1.71 -12.72 14.34
N LEU B 53 -2.33 -11.71 14.96
CA LEU B 53 -3.69 -11.83 15.45
C LEU B 53 -4.64 -12.34 14.37
N LEU B 54 -4.60 -11.69 13.22
CA LEU B 54 -5.47 -12.05 12.11
C LEU B 54 -5.26 -13.49 11.60
N LYS B 55 -4.01 -13.93 11.57
CA LYS B 55 -3.69 -15.27 11.09
C LYS B 55 -4.13 -16.31 12.12
N ILE B 56 -4.06 -15.94 13.39
CA ILE B 56 -4.56 -16.79 14.46
C ILE B 56 -6.08 -16.90 14.35
N LEU B 57 -6.72 -15.83 13.87
CA LEU B 57 -8.17 -15.86 13.67
C LEU B 57 -8.60 -16.74 12.51
N ALA B 58 -7.83 -16.74 11.42
CA ALA B 58 -8.21 -17.49 10.23
C ALA B 58 -7.63 -18.90 10.25
N GLY B 59 -7.14 -19.32 11.40
CA GLY B 59 -6.55 -20.63 11.55
C GLY B 59 -5.31 -20.84 10.68
N LEU B 60 -4.54 -19.78 10.48
CA LEU B 60 -3.31 -19.89 9.68
C LEU B 60 -2.11 -20.04 10.59
N LEU B 61 -2.32 -19.80 11.88
CA LEU B 61 -1.27 -19.91 12.89
C LEU B 61 -1.87 -20.56 14.14
N ALA B 62 -1.17 -21.54 14.71
CA ALA B 62 -1.63 -22.14 15.96
C ALA B 62 -1.09 -21.36 17.16
N ALA B 63 -1.99 -20.82 17.98
CA ALA B 63 -1.57 -19.98 19.10
C ALA B 63 -1.80 -20.65 20.45
N ALA B 64 -1.11 -20.14 21.47
CA ALA B 64 -1.27 -20.64 22.82
C ALA B 64 -2.51 -20.04 23.47
N GLY B 65 -3.34 -20.89 24.06
CA GLY B 65 -4.56 -20.41 24.68
C GLY B 65 -5.77 -21.05 24.04
N GLU B 66 -6.95 -20.54 24.36
CA GLU B 66 -8.16 -21.18 23.86
C GLU B 66 -8.89 -20.32 22.84
N ILE B 67 -9.34 -20.95 21.76
CA ILE B 67 -10.08 -20.24 20.72
C ILE B 67 -11.36 -21.00 20.41
N PHE B 68 -12.51 -20.34 20.60
CA PHE B 68 -13.79 -20.99 20.37
C PHE B 68 -14.52 -20.46 19.15
N LEU B 69 -14.93 -21.37 18.26
CA LEU B 69 -15.83 -21.02 17.18
C LEU B 69 -17.21 -21.57 17.50
N ASP B 70 -18.10 -20.67 17.94
CA ASP B 70 -19.46 -21.01 18.35
C ASP B 70 -19.49 -21.95 19.55
N GLY B 71 -19.00 -21.44 20.69
CA GLY B 71 -19.06 -22.19 21.94
C GLY B 71 -18.06 -23.30 22.05
N SER B 72 -17.96 -24.11 21.00
CA SER B 72 -17.05 -25.26 20.98
C SER B 72 -15.62 -24.80 20.66
N PRO B 73 -14.62 -25.62 21.03
CA PRO B 73 -13.24 -25.25 20.71
C PRO B 73 -12.95 -25.37 19.22
N ALA B 74 -11.92 -24.68 18.76
CA ALA B 74 -11.55 -24.69 17.35
C ALA B 74 -10.05 -24.77 17.16
N ASP B 75 -9.59 -25.82 16.50
CA ASP B 75 -8.21 -25.88 16.05
C ASP B 75 -8.09 -24.99 14.81
N PRO B 76 -6.84 -24.72 14.35
CA PRO B 76 -6.70 -23.95 13.11
C PRO B 76 -7.47 -24.52 11.92
N PHE B 77 -7.47 -25.84 11.75
CA PHE B 77 -8.08 -26.46 10.59
C PHE B 77 -9.59 -26.22 10.53
N LEU B 78 -10.21 -26.00 11.69
CA LEU B 78 -11.62 -25.66 11.74
C LEU B 78 -11.82 -24.17 11.44
N LEU B 79 -10.91 -23.35 11.96
CA LEU B 79 -11.00 -21.91 11.79
C LEU B 79 -10.86 -21.50 10.33
N ARG B 80 -9.85 -22.07 9.67
CA ARG B 80 -9.65 -21.90 8.23
C ARG B 80 -10.92 -22.21 7.48
N LYS B 81 -11.53 -23.33 7.86
CA LYS B 81 -12.78 -23.79 7.27
C LYS B 81 -13.92 -22.77 7.36
N ASN B 82 -13.71 -21.67 8.08
CA ASN B 82 -14.79 -20.71 8.27
C ASN B 82 -14.37 -19.23 8.33
N VAL B 83 -13.09 -18.96 8.15
CA VAL B 83 -12.64 -17.58 7.96
C VAL B 83 -11.77 -17.49 6.71
N GLY B 84 -12.20 -16.69 5.75
CA GLY B 84 -11.36 -16.41 4.60
C GLY B 84 -10.33 -15.37 4.98
N TYR B 85 -9.11 -15.51 4.47
CA TYR B 85 -8.04 -14.58 4.83
C TYR B 85 -7.47 -13.93 3.58
N VAL B 86 -7.13 -12.65 3.70
CA VAL B 86 -6.47 -11.92 2.63
C VAL B 86 -5.13 -11.34 3.08
N PHE B 87 -4.06 -11.78 2.43
CA PHE B 87 -2.69 -11.40 2.77
C PHE B 87 -2.35 -9.95 2.46
N GLN B 88 -1.42 -9.38 3.22
CA GLN B 88 -0.88 -8.05 2.94
C GLN B 88 -0.30 -7.99 1.54
N ASN B 89 0.42 -9.05 1.19
CA ASN B 89 0.91 -9.23 -0.16
C ASN B 89 0.06 -10.28 -0.85
N PRO B 90 -0.80 -9.85 -1.78
CA PRO B 90 -1.74 -10.72 -2.50
C PRO B 90 -1.06 -11.91 -3.20
N SER B 91 0.19 -11.71 -3.61
CA SER B 91 0.92 -12.72 -4.39
C SER B 91 1.02 -14.07 -3.67
N SER B 92 1.03 -14.05 -2.35
CA SER B 92 1.16 -15.30 -1.58
C SER B 92 -0.18 -16.05 -1.46
N GLN B 93 -1.19 -15.63 -2.22
CA GLN B 93 -2.42 -16.41 -2.32
C GLN B 93 -2.94 -16.38 -3.76
N ILE B 94 -2.01 -16.17 -4.69
CA ILE B 94 -2.34 -16.18 -6.12
C ILE B 94 -1.67 -17.37 -6.80
N ILE B 95 -2.49 -18.21 -7.43
CA ILE B 95 -1.99 -19.41 -8.08
C ILE B 95 -2.97 -19.86 -9.17
N GLY B 96 -2.44 -20.17 -10.35
CA GLY B 96 -3.27 -20.57 -11.46
C GLY B 96 -2.87 -19.87 -12.75
N ALA B 97 -2.81 -20.63 -13.83
CA ALA B 97 -2.40 -20.10 -15.13
C ALA B 97 -3.21 -18.89 -15.56
N THR B 98 -4.48 -18.85 -15.16
CA THR B 98 -5.35 -17.72 -15.46
C THR B 98 -6.07 -17.27 -14.21
N VAL B 99 -6.86 -16.21 -14.34
CA VAL B 99 -7.57 -15.64 -13.19
C VAL B 99 -8.70 -16.54 -12.70
N GLU B 100 -9.48 -17.13 -13.61
CA GLU B 100 -10.58 -17.99 -13.18
C GLU B 100 -10.05 -19.23 -12.49
N GLU B 101 -8.90 -19.72 -12.91
CA GLU B 101 -8.28 -20.85 -12.23
C GLU B 101 -7.89 -20.43 -10.81
N ASP B 102 -7.42 -19.19 -10.69
CA ASP B 102 -7.06 -18.62 -9.40
C ASP B 102 -8.26 -18.58 -8.46
N VAL B 103 -9.33 -17.89 -8.87
CA VAL B 103 -10.54 -17.81 -8.07
C VAL B 103 -11.07 -19.20 -7.77
N ALA B 104 -11.01 -20.07 -8.78
CA ALA B 104 -11.50 -21.43 -8.65
C ALA B 104 -10.73 -22.22 -7.60
N PHE B 105 -9.47 -21.83 -7.37
CA PHE B 105 -8.56 -22.71 -6.64
C PHE B 105 -9.06 -23.25 -5.30
N SER B 106 -9.55 -22.40 -4.41
CA SER B 106 -10.10 -22.89 -3.13
C SER B 106 -11.59 -23.19 -3.25
N LEU B 107 -12.05 -23.38 -4.48
CA LEU B 107 -13.26 -24.14 -4.78
C LEU B 107 -12.74 -25.51 -5.22
N GLU B 108 -11.76 -25.98 -4.45
CA GLU B 108 -11.00 -27.19 -4.69
C GLU B 108 -11.72 -28.42 -4.20
N ILE B 109 -12.51 -28.20 -3.16
CA ILE B 109 -12.84 -29.26 -2.23
C ILE B 109 -14.32 -29.21 -1.83
N ASP B 113 -20.89 -29.11 -9.87
CA ASP B 113 -19.95 -28.18 -9.25
C ASP B 113 -19.32 -27.23 -10.27
N GLU B 114 -18.63 -27.79 -11.28
CA GLU B 114 -18.02 -27.00 -12.36
C GLU B 114 -19.04 -26.03 -12.95
N SER B 115 -20.26 -26.55 -13.08
CA SER B 115 -21.47 -25.76 -13.27
C SER B 115 -21.50 -24.39 -12.53
N GLU B 116 -21.44 -24.47 -11.19
CA GLU B 116 -21.62 -23.30 -10.31
C GLU B 116 -20.32 -22.52 -10.21
N MET B 117 -19.32 -23.29 -9.81
CA MET B 117 -17.94 -22.90 -9.74
C MET B 117 -17.49 -22.23 -11.06
N ARG B 118 -18.27 -21.28 -11.56
CA ARG B 118 -17.85 -20.51 -12.72
C ARG B 118 -18.49 -19.11 -12.77
N LYS B 119 -19.58 -18.92 -12.04
CA LYS B 119 -20.18 -17.58 -11.93
C LYS B 119 -20.23 -17.12 -10.47
N ARG B 120 -19.94 -18.02 -9.53
CA ARG B 120 -19.59 -17.54 -8.21
C ARG B 120 -18.29 -16.81 -8.42
N ILE B 121 -17.46 -17.44 -9.26
CA ILE B 121 -16.30 -16.82 -9.85
C ILE B 121 -16.70 -15.43 -10.38
N LYS B 122 -17.22 -15.34 -11.60
CA LYS B 122 -17.34 -14.01 -12.19
C LYS B 122 -18.25 -13.05 -11.41
N LYS B 123 -18.94 -13.56 -10.40
CA LYS B 123 -19.62 -12.69 -9.44
C LYS B 123 -18.60 -11.99 -8.56
N VAL B 124 -17.68 -12.75 -7.96
CA VAL B 124 -16.69 -12.07 -7.12
C VAL B 124 -15.81 -11.20 -8.00
N LEU B 125 -15.61 -11.61 -9.26
CA LEU B 125 -14.84 -10.75 -10.17
C LEU B 125 -15.54 -9.43 -10.52
N GLU B 126 -16.85 -9.46 -10.78
CA GLU B 126 -17.55 -8.20 -11.04
C GLU B 126 -17.62 -7.38 -9.75
N LEU B 127 -17.65 -8.07 -8.61
CA LEU B 127 -17.71 -7.40 -7.30
C LEU B 127 -16.46 -6.59 -7.00
N VAL B 128 -15.29 -7.20 -7.20
CA VAL B 128 -14.03 -6.51 -6.91
C VAL B 128 -13.63 -5.57 -8.05
N GLY B 129 -14.36 -5.62 -9.15
CA GLY B 129 -14.05 -4.85 -10.32
C GLY B 129 -12.90 -5.46 -11.09
N LEU B 130 -13.11 -6.69 -11.55
CA LEU B 130 -12.10 -7.44 -12.31
C LEU B 130 -12.73 -8.26 -13.42
N SER B 131 -13.89 -7.81 -13.90
CA SER B 131 -14.57 -8.52 -14.97
C SER B 131 -13.88 -8.27 -16.31
N GLY B 132 -13.62 -9.34 -17.05
CA GLY B 132 -13.02 -9.22 -18.35
C GLY B 132 -11.54 -9.58 -18.38
N LEU B 133 -10.95 -9.79 -17.20
CA LEU B 133 -9.55 -10.17 -17.11
C LEU B 133 -9.40 -11.59 -16.61
N ALA B 134 -10.53 -12.28 -16.53
CA ALA B 134 -10.55 -13.63 -15.98
C ALA B 134 -9.76 -14.62 -16.85
N ALA B 135 -9.40 -14.22 -18.06
CA ALA B 135 -8.62 -15.07 -18.93
C ALA B 135 -7.17 -14.59 -19.06
N ALA B 136 -6.69 -13.89 -18.04
CA ALA B 136 -5.33 -13.35 -18.07
C ALA B 136 -4.44 -13.97 -17.00
N ASP B 137 -3.16 -14.12 -17.32
CA ASP B 137 -2.17 -14.58 -16.36
C ASP B 137 -2.17 -13.65 -15.16
N PRO B 138 -2.54 -14.18 -13.97
CA PRO B 138 -2.61 -13.36 -12.75
C PRO B 138 -1.29 -12.65 -12.50
N LEU B 139 -0.21 -13.35 -12.82
CA LEU B 139 1.16 -12.87 -12.61
C LEU B 139 1.42 -11.50 -13.28
N ASN B 140 0.69 -11.20 -14.35
CA ASN B 140 0.91 -9.96 -15.11
C ASN B 140 -0.19 -8.92 -14.92
N LEU B 141 -0.93 -9.02 -13.82
CA LEU B 141 -1.86 -7.97 -13.44
C LEU B 141 -1.08 -6.81 -12.81
N SER B 142 -1.70 -5.64 -12.73
CA SER B 142 -1.09 -4.53 -12.00
C SER B 142 -1.19 -4.82 -10.50
N GLY B 143 -0.50 -4.03 -9.68
CA GLY B 143 -0.50 -4.26 -8.24
C GLY B 143 -1.90 -4.18 -7.64
N GLY B 144 -2.60 -3.10 -7.97
CA GLY B 144 -3.95 -2.89 -7.51
C GLY B 144 -4.89 -4.00 -7.94
N GLN B 145 -4.72 -4.46 -9.17
CA GLN B 145 -5.52 -5.54 -9.71
C GLN B 145 -5.20 -6.89 -9.07
N LYS B 146 -3.94 -7.10 -8.67
CA LYS B 146 -3.57 -8.30 -7.93
C LYS B 146 -4.26 -8.30 -6.56
N GLN B 147 -4.29 -7.14 -5.91
CA GLN B 147 -5.00 -7.02 -4.64
C GLN B 147 -6.50 -7.31 -4.83
N ARG B 148 -7.10 -6.69 -5.83
CA ARG B 148 -8.49 -6.95 -6.22
C ARG B 148 -8.73 -8.45 -6.35
N LEU B 149 -7.80 -9.11 -7.04
CA LEU B 149 -7.85 -10.55 -7.26
C LEU B 149 -7.92 -11.32 -5.95
N ALA B 150 -7.00 -11.01 -5.04
CA ALA B 150 -6.98 -11.68 -3.75
C ALA B 150 -8.32 -11.52 -3.03
N ILE B 151 -8.85 -10.29 -3.02
CA ILE B 151 -10.16 -10.06 -2.41
C ILE B 151 -11.21 -10.98 -3.03
N ALA B 152 -11.22 -11.05 -4.37
CA ALA B 152 -12.15 -11.91 -5.08
C ALA B 152 -12.07 -13.37 -4.64
N SER B 153 -10.86 -13.94 -4.69
CA SER B 153 -10.67 -15.34 -4.36
C SER B 153 -11.08 -15.65 -2.92
N MET B 154 -10.87 -14.70 -2.00
CA MET B 154 -11.32 -14.92 -0.63
C MET B 154 -12.85 -14.85 -0.53
N LEU B 155 -13.45 -13.93 -1.28
CA LEU B 155 -14.90 -13.76 -1.26
C LEU B 155 -15.62 -14.99 -1.83
N ALA B 156 -15.02 -15.62 -2.84
CA ALA B 156 -15.60 -16.80 -3.48
C ALA B 156 -15.83 -17.93 -2.48
N ARG B 157 -14.88 -18.08 -1.56
CA ARG B 157 -14.97 -19.07 -0.48
C ARG B 157 -16.32 -19.02 0.22
N ASP B 158 -16.87 -17.81 0.33
CA ASP B 158 -18.11 -17.56 1.03
C ASP B 158 -18.01 -18.06 2.47
N THR B 159 -17.15 -17.39 3.24
CA THR B 159 -16.95 -17.73 4.64
C THR B 159 -17.83 -16.85 5.52
N ARG B 160 -18.07 -17.30 6.75
CA ARG B 160 -18.84 -16.50 7.69
C ARG B 160 -18.04 -15.28 8.11
N PHE B 161 -16.71 -15.43 8.15
CA PHE B 161 -15.83 -14.35 8.55
C PHE B 161 -14.82 -14.00 7.45
N LEU B 162 -14.62 -12.70 7.28
CA LEU B 162 -13.67 -12.14 6.33
C LEU B 162 -12.56 -11.44 7.09
N ALA B 163 -11.37 -12.02 7.07
CA ALA B 163 -10.21 -11.45 7.75
C ALA B 163 -9.26 -10.84 6.72
N LEU B 164 -9.26 -9.51 6.64
CA LEU B 164 -8.51 -8.82 5.60
C LEU B 164 -7.34 -8.03 6.16
N ASP B 165 -6.14 -8.34 5.65
CA ASP B 165 -4.92 -7.73 6.16
C ASP B 165 -4.42 -6.65 5.21
N GLU B 166 -4.97 -5.45 5.37
CA GLU B 166 -4.69 -4.29 4.50
C GLU B 166 -4.98 -4.60 3.03
N PRO B 167 -6.27 -4.90 2.73
CA PRO B 167 -6.69 -5.41 1.42
C PRO B 167 -6.61 -4.37 0.29
N VAL B 168 -6.95 -3.12 0.57
CA VAL B 168 -6.96 -2.10 -0.47
C VAL B 168 -5.82 -1.10 -0.30
N SER B 169 -4.71 -1.55 0.26
CA SER B 169 -3.61 -0.66 0.60
C SER B 169 -2.91 -0.08 -0.62
N MET B 170 -3.31 -0.52 -1.81
CA MET B 170 -2.69 -0.01 -3.03
C MET B 170 -3.69 0.36 -4.12
N LEU B 171 -4.96 0.51 -3.75
CA LEU B 171 -5.95 1.07 -4.65
C LEU B 171 -6.05 2.57 -4.34
N ASP B 172 -6.39 3.38 -5.35
CA ASP B 172 -6.57 4.81 -5.12
C ASP B 172 -7.80 4.98 -4.22
N PRO B 173 -7.90 6.13 -3.51
CA PRO B 173 -9.01 6.29 -2.58
C PRO B 173 -10.43 6.09 -3.15
N PRO B 174 -10.70 6.48 -4.41
CA PRO B 174 -12.02 6.10 -4.94
C PRO B 174 -12.26 4.59 -4.92
N SER B 175 -11.27 3.83 -5.41
CA SER B 175 -11.35 2.37 -5.42
C SER B 175 -11.40 1.78 -4.01
N GLN B 176 -10.62 2.35 -3.10
CA GLN B 176 -10.63 1.92 -1.70
C GLN B 176 -12.03 2.08 -1.11
N ARG B 177 -12.62 3.23 -1.39
CA ARG B 177 -13.96 3.57 -0.92
C ARG B 177 -15.00 2.59 -1.47
N GLU B 178 -14.93 2.29 -2.77
CA GLU B 178 -15.89 1.38 -3.38
C GLU B 178 -15.75 -0.05 -2.82
N ILE B 179 -14.51 -0.51 -2.65
CA ILE B 179 -14.28 -1.85 -2.13
C ILE B 179 -14.84 -1.93 -0.72
N PHE B 180 -14.60 -0.89 0.07
CA PHE B 180 -15.12 -0.91 1.43
C PHE B 180 -16.64 -0.96 1.41
N GLN B 181 -17.26 -0.26 0.46
CA GLN B 181 -18.71 -0.35 0.36
C GLN B 181 -19.17 -1.78 0.07
N VAL B 182 -18.44 -2.49 -0.78
CA VAL B 182 -18.71 -3.92 -0.99
C VAL B 182 -18.66 -4.69 0.33
N LEU B 183 -17.57 -4.51 1.07
CA LEU B 183 -17.42 -5.16 2.38
C LEU B 183 -18.61 -4.85 3.29
N GLU B 184 -18.95 -3.57 3.41
CA GLU B 184 -20.06 -3.11 4.23
C GLU B 184 -21.37 -3.83 3.87
N SER B 185 -21.64 -3.91 2.57
CA SER B 185 -22.76 -4.70 2.08
C SER B 185 -22.70 -6.10 2.66
N LEU B 186 -21.54 -6.73 2.56
CA LEU B 186 -21.39 -8.09 3.07
C LEU B 186 -21.55 -8.17 4.59
N LYS B 187 -21.32 -7.05 5.28
CA LYS B 187 -21.56 -6.98 6.71
C LYS B 187 -23.06 -7.01 6.97
N ASN B 188 -23.80 -6.33 6.10
CA ASN B 188 -25.26 -6.35 6.23
C ASN B 188 -25.86 -7.73 5.96
N GLU B 189 -25.18 -8.56 5.17
CA GLU B 189 -25.71 -9.88 4.85
C GLU B 189 -25.34 -10.92 5.90
N GLY B 190 -24.77 -10.45 7.01
CA GLY B 190 -24.45 -11.33 8.12
C GLY B 190 -23.11 -12.01 8.00
N LYS B 191 -22.11 -11.27 7.54
CA LYS B 191 -20.74 -11.76 7.51
C LYS B 191 -19.90 -10.97 8.49
N GLY B 192 -19.10 -11.67 9.29
CA GLY B 192 -18.19 -11.02 10.22
C GLY B 192 -17.05 -10.42 9.42
N ILE B 193 -16.61 -9.22 9.79
CA ILE B 193 -15.53 -8.57 9.05
C ILE B 193 -14.48 -7.98 9.98
N ILE B 194 -13.27 -8.51 9.88
CA ILE B 194 -12.16 -8.00 10.65
C ILE B 194 -11.12 -7.43 9.69
N LEU B 195 -10.84 -6.13 9.87
CA LEU B 195 -10.09 -5.36 8.88
C LEU B 195 -8.87 -4.69 9.49
N VAL B 196 -7.70 -5.03 8.97
CA VAL B 196 -6.46 -4.37 9.37
C VAL B 196 -6.11 -3.32 8.34
N THR B 197 -5.94 -2.08 8.77
CA THR B 197 -5.57 -1.02 7.85
C THR B 197 -4.74 0.08 8.53
N HIS B 198 -4.04 0.86 7.70
CA HIS B 198 -3.22 1.96 8.18
C HIS B 198 -3.81 3.29 7.72
N GLU B 199 -4.78 3.24 6.82
CA GLU B 199 -5.37 4.44 6.26
C GLU B 199 -6.55 4.96 7.08
N LEU B 200 -7.59 4.13 7.21
CA LEU B 200 -8.84 4.48 7.92
C LEU B 200 -9.59 5.61 7.22
N GLU B 201 -8.98 6.14 6.17
CA GLU B 201 -9.45 7.31 5.45
C GLU B 201 -10.70 6.98 4.64
N TYR B 202 -10.67 5.82 4.01
CA TYR B 202 -11.73 5.36 3.14
C TYR B 202 -12.85 4.67 3.92
N LEU B 203 -12.67 4.54 5.23
CA LEU B 203 -13.66 3.84 6.04
C LEU B 203 -14.94 4.65 6.22
N ASP B 204 -16.05 4.06 5.80
CA ASP B 204 -17.36 4.69 5.83
C ASP B 204 -17.93 4.65 7.25
N ASP B 205 -18.00 3.44 7.80
CA ASP B 205 -18.56 3.19 9.11
C ASP B 205 -17.84 1.99 9.70
N MET B 206 -17.87 1.86 11.02
CA MET B 206 -17.30 0.70 11.69
C MET B 206 -17.96 0.45 13.03
N ASP B 207 -18.08 -0.81 13.41
CA ASP B 207 -18.67 -1.15 14.70
C ASP B 207 -17.64 -1.03 15.81
N PHE B 208 -16.40 -1.48 15.54
CA PHE B 208 -15.36 -1.34 16.54
C PHE B 208 -13.98 -1.00 15.98
N ILE B 209 -13.19 -0.31 16.78
CA ILE B 209 -11.77 -0.17 16.51
C ILE B 209 -10.95 -0.78 17.64
N LEU B 210 -10.17 -1.81 17.31
CA LEU B 210 -9.18 -2.36 18.22
C LEU B 210 -7.84 -1.70 17.95
N HIS B 211 -7.13 -1.35 19.02
CA HIS B 211 -5.76 -0.86 18.90
C HIS B 211 -4.84 -1.88 19.56
N ILE B 212 -3.77 -2.24 18.88
CA ILE B 212 -2.79 -3.16 19.44
C ILE B 212 -1.47 -2.42 19.69
N SER B 213 -0.98 -2.49 20.92
CA SER B 213 0.26 -1.79 21.25
C SER B 213 1.48 -2.70 21.06
N ASN B 214 1.59 -3.72 21.89
CA ASN B 214 2.73 -4.63 21.81
C ASN B 214 2.37 -6.08 22.08
N GLY B 215 1.18 -6.47 21.66
CA GLY B 215 0.74 -7.84 21.84
C GLY B 215 -0.60 -7.89 22.54
N THR B 216 -0.98 -6.78 23.16
CA THR B 216 -2.27 -6.69 23.84
C THR B 216 -3.17 -5.69 23.14
N ILE B 217 -4.48 -5.92 23.24
CA ILE B 217 -5.46 -4.97 22.74
C ILE B 217 -5.64 -3.85 23.76
N ASP B 218 -5.01 -2.71 23.47
CA ASP B 218 -5.04 -1.51 24.30
C ASP B 218 -6.42 -0.89 24.42
N PHE B 219 -7.06 -0.67 23.27
CA PHE B 219 -8.35 -0.01 23.23
C PHE B 219 -9.33 -0.79 22.36
N CYS B 220 -10.63 -0.66 22.66
CA CYS B 220 -11.67 -1.24 21.83
C CYS B 220 -13.01 -0.57 22.10
N GLY B 221 -13.39 0.36 21.23
CA GLY B 221 -14.67 1.03 21.37
C GLY B 221 -15.09 1.78 20.12
N SER B 222 -15.98 2.74 20.30
CA SER B 222 -16.46 3.57 19.20
C SER B 222 -15.31 4.36 18.58
N TRP B 223 -15.61 4.98 17.44
CA TRP B 223 -14.62 5.82 16.77
C TRP B 223 -14.31 7.07 17.60
N GLU B 224 -15.36 7.66 18.18
CA GLU B 224 -15.22 8.86 19.02
C GLU B 224 -14.22 8.63 20.16
N GLU B 225 -14.38 7.51 20.83
CA GLU B 225 -13.49 7.11 21.92
C GLU B 225 -12.05 7.02 21.41
N PHE B 226 -11.90 6.56 20.17
CA PHE B 226 -10.58 6.45 19.57
C PHE B 226 -9.93 7.81 19.32
N VAL B 227 -10.64 8.71 18.65
CA VAL B 227 -10.06 10.02 18.34
C VAL B 227 -9.78 10.76 19.65
N GLU B 228 -10.57 10.44 20.67
CA GLU B 228 -10.36 11.05 21.98
C GLU B 228 -9.09 10.57 22.71
N ARG B 229 -8.91 9.25 22.87
CA ARG B 229 -7.81 8.77 23.72
C ARG B 229 -6.45 9.29 23.26
N GLU B 230 -6.39 9.71 22.00
CA GLU B 230 -5.18 10.22 21.38
C GLU B 230 -4.16 9.12 21.40
N PHE B 231 -4.07 8.44 20.27
CA PHE B 231 -2.98 7.53 19.97
C PHE B 231 -2.04 8.26 19.00
N ASP B 232 -0.73 8.04 19.11
CA ASP B 232 0.20 8.73 18.21
C ASP B 232 0.67 7.88 17.03
N ASP B 233 0.53 6.56 17.15
CA ASP B 233 0.99 5.65 16.10
C ASP B 233 0.02 5.59 14.92
N VAL B 234 -1.19 6.12 15.11
CA VAL B 234 -2.21 6.03 14.08
C VAL B 234 -2.65 7.41 13.57
N GLU B 235 -2.52 7.60 12.26
CA GLU B 235 -2.87 8.84 11.59
C GLU B 235 -4.38 9.11 11.64
N ILE B 236 -4.75 10.24 12.21
CA ILE B 236 -6.16 10.64 12.22
C ILE B 236 -6.56 11.28 10.89
N PRO B 237 -7.58 10.72 10.24
CA PRO B 237 -8.14 11.18 8.96
C PRO B 237 -8.39 12.68 8.94
N PHE B 238 -7.90 13.35 7.91
CA PHE B 238 -8.09 14.79 7.77
C PHE B 238 -9.57 15.13 7.66
N LYS B 239 -10.33 14.19 7.10
CA LYS B 239 -11.77 14.37 6.91
C LYS B 239 -12.49 14.57 8.26
N TRP B 240 -12.12 13.79 9.26
CA TRP B 240 -12.76 13.85 10.58
C TRP B 240 -12.33 15.08 11.37
N LYS B 241 -11.03 15.38 11.32
CA LYS B 241 -10.50 16.63 11.86
C LYS B 241 -11.31 17.79 11.31
N LEU B 242 -11.55 17.74 10.00
CA LEU B 242 -12.35 18.75 9.33
C LEU B 242 -13.83 18.63 9.66
N TRP B 243 -14.26 17.49 10.22
CA TRP B 243 -15.65 17.38 10.59
C TRP B 243 -15.93 18.07 11.92
N LYS B 244 -15.09 17.81 12.91
CA LYS B 244 -15.39 18.34 14.24
C LYS B 244 -15.23 19.86 14.33
N LYS B 245 -14.30 20.43 13.56
CA LYS B 245 -14.23 21.88 13.43
C LYS B 245 -14.78 22.21 12.05
N CYS B 246 -15.18 23.45 11.81
CA CYS B 246 -15.89 23.83 10.57
C CYS B 246 -17.31 23.24 10.50
N GLY B 247 -17.44 21.98 10.88
CA GLY B 247 -18.71 21.28 10.79
C GLY B 247 -19.07 20.96 9.35
N LYS B 248 -20.36 20.88 9.06
CA LYS B 248 -20.83 20.69 7.69
C LYS B 248 -20.60 21.95 6.87
N ILE B 249 -19.53 21.96 6.08
CA ILE B 249 -19.25 23.08 5.20
C ILE B 249 -19.61 22.76 3.76
N ASN B 250 -20.01 21.50 3.55
CA ASN B 250 -20.40 21.01 2.22
C ASN B 250 -19.27 21.19 1.22
N LEU B 251 -18.10 20.68 1.60
CA LEU B 251 -16.88 20.72 0.81
C LEU B 251 -17.03 19.99 -0.52
N TRP B 252 -17.74 18.86 -0.48
CA TRP B 252 -17.89 17.95 -1.62
C TRP B 252 -18.40 18.61 -2.90
N GLU B 253 -19.06 19.75 -2.77
CA GLU B 253 -19.58 20.46 -3.94
C GLU B 253 -18.44 20.82 -4.89
N ASP B 254 -17.26 21.09 -4.32
CA ASP B 254 -16.07 21.40 -5.12
C ASP B 254 -15.71 20.29 -6.11
N ARG B 255 -16.15 19.07 -5.82
CA ARG B 255 -15.84 17.95 -6.70
C ARG B 255 -16.57 18.06 -8.02
N TYR B 256 -17.70 18.76 -8.02
CA TYR B 256 -18.55 18.84 -9.20
C TYR B 256 -18.83 20.29 -9.58
N GLU B 257 -18.96 21.13 -8.56
CA GLU B 257 -19.31 22.55 -8.67
C GLU B 257 -20.21 22.87 -9.88
N ASN B 258 -21.36 22.20 -9.92
CA ASN B 258 -22.36 22.41 -10.97
C ASN B 258 -21.77 22.31 -12.38
MG MG C . 2.24 0.61 -9.73
CL CL D . 13.75 -13.98 11.50
CL CL E . -2.67 13.01 13.13
PG ANP F . -1.10 0.08 -10.03
O1G ANP F . -1.75 -1.28 -9.55
O2G ANP F . -1.88 1.20 -9.41
O3G ANP F . 0.40 0.13 -9.54
PB ANP F . 0.27 0.45 -12.51
O1B ANP F . 1.48 0.04 -11.63
O2B ANP F . 0.37 1.90 -12.84
N3B ANP F . -1.19 0.18 -11.72
PA ANP F . 1.37 -1.39 -14.32
O1A ANP F . 1.70 -2.33 -13.16
O2A ANP F . 2.54 -0.69 -14.89
O3A ANP F . 0.24 -0.36 -13.85
O5' ANP F . 0.67 -2.17 -15.50
C5' ANP F . -0.04 -1.45 -16.53
C4' ANP F . -0.77 -2.43 -17.39
O4' ANP F . 0.17 -3.29 -18.06
C3' ANP F . -1.78 -3.34 -16.68
O3' ANP F . -3.01 -3.42 -17.38
C2' ANP F . -1.05 -4.69 -16.59
O2' ANP F . -1.98 -5.76 -16.75
C1' ANP F . -0.09 -4.66 -17.77
N9 ANP F . 1.19 -5.30 -17.50
C8 ANP F . 2.11 -4.92 -16.57
N7 ANP F . 3.18 -5.68 -16.53
C5 ANP F . 2.93 -6.66 -17.49
C6 ANP F . 3.67 -7.76 -17.94
N6 ANP F . 4.87 -8.10 -17.44
N1 ANP F . 3.14 -8.52 -18.91
C2 ANP F . 1.95 -8.19 -19.41
N3 ANP F . 1.15 -7.16 -19.07
C4 ANP F . 1.71 -6.42 -18.09
MG MG G . 0.82 -6.76 9.17
CL CL H . -13.91 -7.69 21.19
PG ANP I . 2.82 -4.26 10.12
O1G ANP I . 2.15 -5.37 9.22
O2G ANP I . 4.14 -3.80 9.41
O3G ANP I . 1.88 -3.09 10.26
PB ANP I . 2.17 -6.07 12.24
O1B ANP I . 1.46 -6.84 11.10
O2B ANP I . 1.13 -5.43 13.10
N3B ANP I . 3.22 -4.89 11.64
PA ANP I . 3.19 -8.57 12.76
O1A ANP I . 2.15 -9.37 13.43
O2A ANP I . 3.28 -8.73 11.24
O3A ANP I . 3.02 -7.04 13.11
O5' ANP I . 4.57 -8.97 13.43
C5' ANP I . 4.85 -8.66 14.81
C4' ANP I . 6.27 -9.08 15.09
O4' ANP I . 6.46 -10.43 14.65
C3' ANP I . 7.35 -8.22 14.42
O3' ANP I . 8.39 -7.84 15.33
C2' ANP I . 7.87 -9.10 13.28
O2' ANP I . 9.29 -8.95 13.17
C1' ANP I . 7.53 -10.52 13.72
N9 ANP I . 7.09 -11.37 12.62
C8 ANP I . 6.11 -11.11 11.72
N7 ANP I . 5.93 -12.04 10.80
C5 ANP I . 6.88 -12.99 11.17
C6 ANP I . 7.21 -14.25 10.59
N6 ANP I . 6.60 -14.77 9.52
N1 ANP I . 8.20 -14.96 11.17
C2 ANP I . 8.81 -14.45 12.25
N3 ANP I . 8.59 -13.28 12.87
C4 ANP I . 7.60 -12.61 12.26
#